data_5T1U
#
_entry.id   5T1U
#
_cell.length_a   102.497
_cell.length_b   102.497
_cell.length_c   171.693
_cell.angle_alpha   90.00
_cell.angle_beta   90.00
_cell.angle_gamma   120.00
#
_symmetry.space_group_name_H-M   'P 61 2 2'
#
loop_
_entity.id
_entity.type
_entity.pdbx_description
1 polymer 'Beta-secretase 1'
2 non-polymer (4S)-4-[2,4-difluoro-5-({[1-(trifluoromethyl)cyclopropyl]amino}methyl)phenyl]-4-methyl-5,6-dihydro-4H-1,3-thiazin-2-amine
3 non-polymer 'IODIDE ION'
4 non-polymer 1,2-ETHANEDIOL
5 water water
#
_entity_poly.entity_id   1
_entity_poly.type   'polypeptide(L)'
_entity_poly.pdbx_seq_one_letter_code
;ETDEEPEEPGRRGSFVEMVDNLRGKSGQGYYVEMTVGSPPQTLNILVDTGSSNFAVGAAPHPFLHRYYQRQLSSTYRDLR
KGVYVPYTQGKWEGELGTDLVSIPHGPNVTVRANIAAITESDKFFINGSNWEGILGLAYAEIARPDDSLEPFFDSLVKQT
HVPNLFSLQLCGAGFPLNQSEVLASVGGSMIIGGIDHSLYTGSLWYTPIRREWYYEVIIVRVEINGQDLKMDCKEYNYDK
SIVDSGTTNLRLPKKVFEAAVKSIKAASSTEKFPDGFWLGEQLVCWQAGTTPWNIFPVISLYLMGEVTNQSFRITILPQQ
YLRPVEDVATSQDDCYKFAISQSSTGTVMGAVIMEGFYVVFDRARKRIGFAVSACHVHDEFRTAAVEGPFVTLDMEDCGY
NIPQTDESTHHHHHH
;
_entity_poly.pdbx_strand_id   A
#
loop_
_chem_comp.id
_chem_comp.type
_chem_comp.name
_chem_comp.formula
EDO non-polymer 1,2-ETHANEDIOL 'C2 H6 O2'
IOD non-polymer 'IODIDE ION' 'I -1'
P6U non-polymer (4S)-4-[2,4-difluoro-5-({[1-(trifluoromethyl)cyclopropyl]amino}methyl)phenyl]-4-methyl-5,6-dihydro-4H-1,3-thiazin-2-amine 'C16 H18 F5 N3 S'
#
# COMPACT_ATOMS: atom_id res chain seq x y z
N GLY A 13 18.56 -7.78 -9.49
CA GLY A 13 19.32 -8.53 -8.51
C GLY A 13 19.86 -7.78 -7.29
N SER A 14 20.47 -6.61 -7.53
CA SER A 14 21.04 -5.77 -6.45
C SER A 14 21.14 -4.28 -6.81
N PHE A 15 20.44 -3.44 -6.04
CA PHE A 15 20.27 -2.04 -6.37
C PHE A 15 20.52 -1.27 -5.08
N VAL A 16 21.77 -1.28 -4.66
CA VAL A 16 22.12 -0.85 -3.34
C VAL A 16 21.76 0.61 -3.08
N GLU A 17 21.85 1.44 -4.11
CA GLU A 17 21.51 2.85 -4.02
C GLU A 17 20.04 3.10 -3.67
N MET A 18 19.18 2.12 -3.91
CA MET A 18 17.73 2.31 -3.68
C MET A 18 17.29 1.64 -2.41
N VAL A 19 18.14 0.79 -1.82
CA VAL A 19 17.75 0.19 -0.56
C VAL A 19 17.60 1.28 0.50
N ASP A 20 16.54 1.18 1.30
CA ASP A 20 16.23 2.07 2.41
C ASP A 20 15.93 3.52 1.91
N ASN A 21 15.37 3.66 0.69
CA ASN A 21 15.05 5.01 0.14
C ASN A 21 13.64 5.47 0.58
N LEU A 22 12.93 4.69 1.41
CA LEU A 22 11.66 5.16 1.97
C LEU A 22 11.72 5.49 3.44
N ARG A 23 10.90 6.44 3.85
CA ARG A 23 10.79 6.90 5.24
C ARG A 23 9.35 7.19 5.55
N GLY A 24 9.05 7.36 6.83
CA GLY A 24 7.72 7.77 7.22
C GLY A 24 7.59 7.80 8.73
N LYS A 25 6.39 8.07 9.20
CA LYS A 25 6.05 7.95 10.60
C LYS A 25 4.83 7.05 10.66
N SER A 26 4.70 6.35 11.77
CA SER A 26 3.63 5.39 11.92
C SER A 26 2.28 5.99 11.61
N GLY A 27 1.54 5.34 10.71
CA GLY A 27 0.22 5.75 10.30
C GLY A 27 0.16 6.92 9.31
N GLN A 28 1.32 7.44 8.90
CA GLN A 28 1.30 8.65 8.05
C GLN A 28 1.81 8.35 6.65
N GLY A 29 2.06 7.07 6.37
CA GLY A 29 2.44 6.66 5.01
C GLY A 29 3.94 6.55 4.79
N TYR A 30 4.34 6.04 3.63
CA TYR A 30 5.73 5.90 3.28
C TYR A 30 6.05 6.87 2.16
N TYR A 31 7.13 7.64 2.29
CA TYR A 31 7.49 8.57 1.21
C TYR A 31 8.91 8.38 0.69
N VAL A 32 9.11 8.83 -0.56
CA VAL A 32 10.40 8.78 -1.27
C VAL A 32 10.80 10.23 -1.59
N GLU A 33 12.09 10.52 -1.63
CA GLU A 33 12.49 11.87 -2.04
C GLU A 33 12.47 11.98 -3.56
N MET A 34 11.96 13.09 -4.13
CA MET A 34 11.94 13.30 -5.57
C MET A 34 12.44 14.71 -5.84
N THR A 35 12.85 14.99 -7.07
CA THR A 35 13.03 16.39 -7.43
C THR A 35 12.15 16.73 -8.58
N VAL A 36 11.69 17.98 -8.63
N VAL A 36 11.68 17.98 -8.64
CA VAL A 36 10.85 18.46 -9.71
CA VAL A 36 10.87 18.43 -9.75
C VAL A 36 11.47 19.79 -10.21
C VAL A 36 11.39 19.80 -10.21
N GLY A 37 11.42 20.00 -11.53
CA GLY A 37 11.80 21.31 -12.08
C GLY A 37 13.27 21.47 -12.35
N SER A 38 13.60 22.62 -12.96
CA SER A 38 14.98 23.00 -13.23
C SER A 38 15.16 24.46 -12.80
N PRO A 39 16.05 24.75 -11.85
CA PRO A 39 16.87 23.77 -11.10
C PRO A 39 16.00 22.84 -10.23
N PRO A 40 16.55 21.72 -9.78
CA PRO A 40 15.72 20.73 -9.03
C PRO A 40 15.24 21.24 -7.65
N GLN A 41 13.93 21.08 -7.44
CA GLN A 41 13.29 21.28 -6.14
C GLN A 41 12.98 19.93 -5.48
N THR A 42 13.55 19.76 -4.32
CA THR A 42 13.41 18.48 -3.57
C THR A 42 12.11 18.44 -2.81
N LEU A 43 11.40 17.33 -2.89
CA LEU A 43 10.12 17.19 -2.17
C LEU A 43 10.03 15.75 -1.71
N ASN A 44 9.37 15.54 -0.59
CA ASN A 44 9.07 14.16 -0.13
C ASN A 44 7.69 13.76 -0.60
N ILE A 45 7.60 12.60 -1.24
CA ILE A 45 6.36 12.22 -1.95
C ILE A 45 5.83 10.85 -1.51
N LEU A 46 4.57 10.79 -1.09
CA LEU A 46 3.99 9.55 -0.60
C LEU A 46 3.84 8.54 -1.73
N VAL A 47 4.25 7.30 -1.47
CA VAL A 47 4.20 6.26 -2.49
C VAL A 47 2.88 5.54 -2.41
N ASP A 48 2.09 5.59 -3.48
CA ASP A 48 0.69 5.11 -3.41
C ASP A 48 0.36 4.20 -4.58
N THR A 49 0.29 2.89 -4.36
CA THR A 49 -0.05 1.98 -5.46
C THR A 49 -1.56 1.91 -5.64
N GLY A 50 -2.31 2.70 -4.85
CA GLY A 50 -3.77 2.75 -5.01
C GLY A 50 -4.34 3.96 -5.74
N SER A 51 -3.49 4.74 -6.42
CA SER A 51 -3.95 5.83 -7.26
C SER A 51 -2.95 6.07 -8.40
N SER A 52 -3.25 6.99 -9.33
CA SER A 52 -2.42 7.08 -10.54
C SER A 52 -2.03 8.50 -10.92
N ASN A 53 -2.25 9.48 -10.04
CA ASN A 53 -1.81 10.86 -10.29
C ASN A 53 -0.55 11.20 -9.51
N PHE A 54 0.30 12.02 -10.12
CA PHE A 54 1.45 12.57 -9.42
C PHE A 54 1.00 14.01 -9.10
N ALA A 55 0.77 14.30 -7.82
CA ALA A 55 0.11 15.55 -7.42
C ALA A 55 0.93 16.12 -6.27
N VAL A 56 1.34 17.40 -6.36
CA VAL A 56 2.23 17.93 -5.32
C VAL A 56 1.66 19.26 -4.81
N GLY A 57 1.78 19.50 -3.50
CA GLY A 57 1.51 20.83 -2.92
C GLY A 57 2.23 21.89 -3.73
N ALA A 58 1.50 22.95 -4.12
CA ALA A 58 2.13 24.02 -4.88
C ALA A 58 1.86 25.40 -4.26
N ALA A 59 1.39 25.38 -3.02
CA ALA A 59 1.05 26.64 -2.32
C ALA A 59 1.36 26.46 -0.84
N PRO A 60 1.59 27.57 -0.10
CA PRO A 60 2.04 27.49 1.30
C PRO A 60 0.95 27.11 2.31
N HIS A 61 0.39 25.91 2.13
CA HIS A 61 -0.48 25.35 3.14
C HIS A 61 0.32 25.25 4.45
N PRO A 62 -0.29 25.61 5.59
CA PRO A 62 0.49 25.65 6.85
C PRO A 62 1.08 24.29 7.31
N PHE A 63 0.45 23.20 6.91
CA PHE A 63 0.95 21.86 7.20
C PHE A 63 2.26 21.48 6.44
N LEU A 64 2.58 22.16 5.34
CA LEU A 64 3.64 21.73 4.41
C LEU A 64 4.99 22.27 4.77
N HIS A 65 5.99 21.38 4.83
CA HIS A 65 7.38 21.80 4.94
C HIS A 65 7.92 22.58 3.74
N ARG A 66 7.39 22.28 2.58
CA ARG A 66 7.85 22.91 1.36
C ARG A 66 6.85 22.57 0.26
N TYR A 67 6.97 23.21 -0.92
CA TYR A 67 5.96 23.01 -1.94
C TYR A 67 6.59 23.37 -3.28
N TYR A 68 6.00 22.88 -4.34
CA TYR A 68 6.48 23.09 -5.72
C TYR A 68 6.24 24.56 -6.09
N GLN A 69 7.30 25.25 -6.48
CA GLN A 69 7.21 26.67 -6.90
C GLN A 69 7.44 26.74 -8.43
N ARG A 70 6.36 26.65 -9.19
CA ARG A 70 6.46 26.55 -10.64
C ARG A 70 7.23 27.78 -11.21
N GLN A 71 7.20 28.92 -10.51
CA GLN A 71 7.80 30.16 -11.06
C GLN A 71 9.32 30.06 -11.13
N LEU A 72 9.87 29.12 -10.36
CA LEU A 72 11.31 28.94 -10.27
C LEU A 72 11.83 27.91 -11.32
N SER A 73 10.95 27.28 -12.07
CA SER A 73 11.38 26.20 -12.95
C SER A 73 11.36 26.60 -14.40
N SER A 74 12.52 26.51 -15.05
CA SER A 74 12.56 26.88 -16.46
C SER A 74 12.00 25.82 -17.40
N THR A 75 11.77 24.61 -16.89
CA THR A 75 11.32 23.50 -17.71
C THR A 75 9.83 23.20 -17.50
N TYR A 76 9.20 23.98 -16.62
CA TYR A 76 7.76 23.90 -16.41
C TYR A 76 6.98 24.23 -17.67
N ARG A 77 6.00 23.41 -18.02
CA ARG A 77 5.06 23.68 -19.10
C ARG A 77 3.62 23.57 -18.61
N ASP A 78 2.81 24.58 -18.87
CA ASP A 78 1.41 24.58 -18.44
C ASP A 78 0.46 23.84 -19.41
N LEU A 79 -0.36 22.92 -18.91
CA LEU A 79 -1.33 22.22 -19.75
C LEU A 79 -2.61 23.01 -19.81
N ARG A 80 -2.66 24.12 -19.08
CA ARG A 80 -3.85 24.99 -19.03
C ARG A 80 -5.14 24.20 -18.81
N LYS A 81 -5.16 23.34 -17.79
CA LYS A 81 -6.33 22.52 -17.49
C LYS A 81 -6.27 22.22 -15.99
N GLY A 82 -7.39 22.30 -15.29
CA GLY A 82 -7.41 22.02 -13.86
C GLY A 82 -7.97 20.62 -13.69
N VAL A 83 -8.01 20.12 -12.44
CA VAL A 83 -8.55 18.80 -12.12
C VAL A 83 -9.05 18.91 -10.67
N TYR A 84 -10.23 18.37 -10.39
CA TYR A 84 -10.84 18.37 -9.06
C TYR A 84 -11.03 16.92 -8.65
N VAL A 85 -10.48 16.53 -7.50
CA VAL A 85 -10.34 15.14 -7.16
C VAL A 85 -10.88 14.91 -5.79
N PRO A 86 -12.16 14.50 -5.70
CA PRO A 86 -12.70 14.16 -4.36
C PRO A 86 -12.50 12.72 -3.94
N TYR A 87 -12.30 12.49 -2.64
CA TYR A 87 -12.16 11.17 -2.05
C TYR A 87 -13.27 10.99 -1.05
N THR A 88 -13.36 9.84 -0.40
CA THR A 88 -14.38 9.71 0.65
C THR A 88 -14.10 10.68 1.79
N GLN A 89 -12.84 10.73 2.19
CA GLN A 89 -12.43 11.53 3.32
C GLN A 89 -11.52 12.69 2.90
N GLY A 90 -11.95 13.50 1.94
CA GLY A 90 -11.14 14.68 1.53
C GLY A 90 -11.05 14.92 0.02
N LYS A 91 -10.25 15.91 -0.38
CA LYS A 91 -10.29 16.29 -1.76
C LYS A 91 -9.06 17.17 -2.07
N TRP A 92 -8.62 17.15 -3.32
CA TRP A 92 -7.65 18.14 -3.74
C TRP A 92 -8.04 18.61 -5.12
N GLU A 93 -7.60 19.83 -5.44
CA GLU A 93 -7.86 20.42 -6.73
C GLU A 93 -6.54 21.01 -7.19
N GLY A 94 -6.26 20.92 -8.48
CA GLY A 94 -5.00 21.45 -8.94
C GLY A 94 -4.95 21.82 -10.41
N GLU A 95 -3.79 22.29 -10.80
CA GLU A 95 -3.54 22.81 -12.12
C GLU A 95 -2.57 21.85 -12.78
N LEU A 96 -2.93 21.30 -13.93
CA LEU A 96 -2.03 20.33 -14.61
C LEU A 96 -0.90 20.99 -15.39
N GLY A 97 0.28 20.38 -15.35
CA GLY A 97 1.40 20.83 -16.19
C GLY A 97 2.33 19.65 -16.37
N THR A 98 3.48 19.88 -16.99
CA THR A 98 4.55 18.91 -17.01
C THR A 98 5.86 19.56 -16.65
N ASP A 99 6.82 18.76 -16.22
CA ASP A 99 8.12 19.24 -15.82
C ASP A 99 9.09 18.06 -15.71
N LEU A 100 10.37 18.37 -15.55
CA LEU A 100 11.38 17.33 -15.41
C LEU A 100 11.36 16.76 -13.97
N VAL A 101 11.35 15.44 -13.88
CA VAL A 101 11.30 14.79 -12.56
C VAL A 101 12.45 13.78 -12.40
N SER A 102 13.02 13.68 -11.20
CA SER A 102 13.98 12.59 -10.93
C SER A 102 13.79 12.02 -9.52
N ILE A 103 14.42 10.87 -9.25
CA ILE A 103 14.39 10.24 -7.93
C ILE A 103 15.82 10.08 -7.51
N PRO A 104 16.30 10.95 -6.61
CA PRO A 104 17.71 10.95 -6.21
C PRO A 104 18.19 9.54 -5.81
N HIS A 105 17.40 8.79 -5.03
CA HIS A 105 17.85 7.44 -4.67
C HIS A 105 17.08 6.44 -5.49
N GLY A 106 17.13 6.61 -6.79
CA GLY A 106 16.43 5.76 -7.74
C GLY A 106 17.31 5.69 -8.97
N PRO A 107 16.73 5.31 -10.08
CA PRO A 107 17.54 5.21 -11.30
C PRO A 107 18.13 6.55 -11.66
N ASN A 108 19.26 6.52 -12.34
CA ASN A 108 19.92 7.77 -12.70
C ASN A 108 19.40 8.30 -14.02
N VAL A 109 18.16 8.80 -13.97
CA VAL A 109 17.44 9.24 -15.14
C VAL A 109 16.60 10.47 -14.75
N THR A 110 16.23 11.24 -15.75
CA THR A 110 15.32 12.38 -15.54
C THR A 110 14.23 12.30 -16.57
N VAL A 111 12.95 12.47 -16.21
CA VAL A 111 11.93 12.32 -17.22
C VAL A 111 10.97 13.49 -17.21
N ARG A 112 10.23 13.68 -18.31
CA ARG A 112 9.21 14.72 -18.35
C ARG A 112 7.90 14.06 -18.00
N ALA A 113 7.33 14.50 -16.87
CA ALA A 113 6.10 13.88 -16.38
C ALA A 113 4.97 14.86 -16.17
N ASN A 114 3.75 14.35 -16.17
CA ASN A 114 2.60 15.14 -15.74
C ASN A 114 2.72 15.41 -14.25
N ILE A 115 2.38 16.63 -13.84
CA ILE A 115 2.33 16.99 -12.42
C ILE A 115 1.09 17.80 -12.17
N ALA A 116 0.30 17.44 -11.17
CA ALA A 116 -0.85 18.26 -10.81
C ALA A 116 -0.36 19.16 -9.69
N ALA A 117 -0.38 20.48 -9.89
CA ALA A 117 0.03 21.40 -8.83
C ALA A 117 -1.17 21.67 -7.95
N ILE A 118 -1.13 21.16 -6.71
CA ILE A 118 -2.27 21.26 -5.84
C ILE A 118 -2.38 22.70 -5.29
N THR A 119 -3.53 23.29 -5.53
CA THR A 119 -3.76 24.69 -5.18
C THR A 119 -4.88 24.86 -4.17
N GLU A 120 -5.58 23.76 -3.87
CA GLU A 120 -6.62 23.78 -2.83
C GLU A 120 -6.84 22.35 -2.33
N SER A 121 -6.99 22.14 -1.03
CA SER A 121 -7.26 20.78 -0.53
C SER A 121 -8.06 20.80 0.78
N ASP A 122 -8.61 19.63 1.13
CA ASP A 122 -9.30 19.48 2.41
C ASP A 122 -9.05 18.06 2.89
N LYS A 123 -8.51 17.92 4.09
CA LYS A 123 -8.26 16.62 4.71
C LYS A 123 -7.42 15.73 3.84
N PHE A 124 -6.49 16.33 3.13
CA PHE A 124 -5.61 15.61 2.21
C PHE A 124 -4.24 15.52 2.87
N PHE A 125 -3.63 16.69 3.10
CA PHE A 125 -2.34 16.71 3.77
C PHE A 125 -2.54 16.40 5.27
N ILE A 126 -1.51 15.89 5.91
CA ILE A 126 -1.59 15.47 7.31
C ILE A 126 -0.80 16.41 8.18
N ASN A 127 -1.43 16.95 9.21
CA ASN A 127 -0.70 17.90 10.09
C ASN A 127 0.38 17.18 10.87
N GLY A 128 1.64 17.49 10.63
CA GLY A 128 2.70 16.84 11.38
C GLY A 128 3.45 15.83 10.52
N SER A 129 2.96 15.55 9.29
CA SER A 129 3.70 14.65 8.39
C SER A 129 4.85 15.35 7.68
N ASN A 130 5.73 14.57 7.07
CA ASN A 130 6.91 15.12 6.41
C ASN A 130 6.85 14.88 4.89
N TRP A 131 5.64 14.78 4.30
CA TRP A 131 5.53 14.67 2.84
C TRP A 131 4.61 15.76 2.29
N GLU A 132 4.77 16.10 1.02
CA GLU A 132 3.96 17.17 0.53
C GLU A 132 3.43 16.90 -0.90
N GLY A 133 3.39 15.62 -1.27
CA GLY A 133 2.71 15.27 -2.51
C GLY A 133 2.54 13.73 -2.55
N ILE A 134 1.94 13.24 -3.63
CA ILE A 134 1.63 11.81 -3.72
C ILE A 134 2.06 11.33 -5.11
N LEU A 135 2.62 10.10 -5.15
CA LEU A 135 3.06 9.47 -6.41
C LEU A 135 2.13 8.31 -6.65
N GLY A 136 1.16 8.47 -7.54
CA GLY A 136 0.21 7.40 -7.80
C GLY A 136 0.87 6.44 -8.81
N LEU A 137 1.09 5.20 -8.35
CA LEU A 137 1.83 4.20 -9.15
C LEU A 137 0.94 3.25 -9.92
N ALA A 138 -0.37 3.38 -9.78
CA ALA A 138 -1.33 2.53 -10.54
C ALA A 138 -1.52 3.03 -11.97
N TYR A 139 -2.53 2.48 -12.68
CA TYR A 139 -2.55 2.61 -14.13
C TYR A 139 -3.45 3.76 -14.60
N ALA A 140 -3.31 4.12 -15.88
CA ALA A 140 -4.00 5.30 -16.45
C ALA A 140 -5.49 5.21 -16.35
N GLU A 141 -6.01 4.00 -16.39
CA GLU A 141 -7.46 3.87 -16.29
C GLU A 141 -8.11 4.62 -15.12
N ILE A 142 -7.38 4.80 -14.00
CA ILE A 142 -7.96 5.51 -12.87
C ILE A 142 -7.30 6.87 -12.66
N ALA A 143 -6.57 7.36 -13.64
CA ALA A 143 -6.01 8.70 -13.52
C ALA A 143 -7.15 9.73 -13.61
N ARG A 144 -6.98 10.87 -12.92
CA ARG A 144 -7.92 12.00 -13.06
C ARG A 144 -7.22 13.07 -13.89
N PRO A 145 -7.96 13.74 -14.80
CA PRO A 145 -9.39 13.66 -15.03
C PRO A 145 -9.81 12.47 -15.91
N ASP A 146 -8.86 11.90 -16.64
CA ASP A 146 -9.15 10.72 -17.48
C ASP A 146 -7.87 10.00 -17.88
N ASP A 147 -8.01 8.94 -18.67
CA ASP A 147 -6.85 8.06 -18.89
C ASP A 147 -5.89 8.56 -19.91
N SER A 148 -6.12 9.77 -20.43
CA SER A 148 -5.11 10.36 -21.29
C SER A 148 -4.04 11.06 -20.50
N LEU A 149 -4.24 11.25 -19.19
CA LEU A 149 -3.17 11.83 -18.38
C LEU A 149 -2.20 10.70 -17.97
N GLU A 150 -1.11 10.56 -18.70
CA GLU A 150 -0.16 9.49 -18.48
C GLU A 150 0.40 9.51 -17.06
N PRO A 151 0.25 8.41 -16.33
CA PRO A 151 0.91 8.34 -15.00
C PRO A 151 2.44 8.37 -15.03
N PHE A 152 3.03 8.77 -13.89
CA PHE A 152 4.46 8.89 -13.78
C PHE A 152 5.23 7.65 -14.27
N PHE A 153 4.82 6.47 -13.80
CA PHE A 153 5.69 5.31 -14.03
C PHE A 153 5.64 4.96 -15.54
N ASP A 154 4.49 5.19 -16.15
CA ASP A 154 4.33 4.99 -17.62
C ASP A 154 5.28 5.92 -18.39
N SER A 155 5.35 7.19 -18.00
CA SER A 155 6.35 8.12 -18.57
C SER A 155 7.79 7.68 -18.36
N LEU A 156 8.08 7.20 -17.15
CA LEU A 156 9.40 6.75 -16.83
C LEU A 156 9.82 5.63 -17.80
N VAL A 157 8.91 4.67 -17.97
CA VAL A 157 9.29 3.50 -18.76
C VAL A 157 9.39 3.91 -20.24
N LYS A 158 8.46 4.73 -20.70
CA LYS A 158 8.41 5.13 -22.12
C LYS A 158 9.68 5.92 -22.50
N GLN A 159 10.21 6.73 -21.59
CA GLN A 159 11.28 7.67 -21.87
C GLN A 159 12.66 7.16 -21.55
N THR A 160 12.78 6.00 -20.91
CA THR A 160 14.10 5.55 -20.48
C THR A 160 14.27 4.02 -20.80
N HIS A 161 15.34 3.43 -20.32
CA HIS A 161 15.44 1.99 -20.42
C HIS A 161 15.09 1.30 -19.12
N VAL A 162 14.45 2.01 -18.21
CA VAL A 162 14.11 1.37 -16.92
C VAL A 162 13.09 0.24 -17.19
N PRO A 163 13.36 -0.97 -16.66
CA PRO A 163 12.43 -2.07 -16.91
C PRO A 163 11.05 -1.78 -16.27
N ASN A 164 10.00 -2.31 -16.87
CA ASN A 164 8.62 -2.03 -16.48
C ASN A 164 8.23 -2.84 -15.25
N LEU A 165 8.85 -2.51 -14.11
CA LEU A 165 8.47 -3.11 -12.84
C LEU A 165 9.10 -2.37 -11.68
N PHE A 166 8.50 -2.50 -10.49
CA PHE A 166 9.09 -1.91 -9.30
C PHE A 166 8.68 -2.80 -8.15
N SER A 167 9.41 -2.74 -7.04
CA SER A 167 9.09 -3.57 -5.89
C SER A 167 9.17 -2.75 -4.63
N LEU A 168 8.35 -3.14 -3.66
CA LEU A 168 8.22 -2.43 -2.38
C LEU A 168 8.49 -3.33 -1.20
N GLN A 169 9.41 -2.91 -0.31
CA GLN A 169 9.62 -3.55 0.98
C GLN A 169 9.25 -2.49 2.02
N LEU A 170 8.07 -2.62 2.61
CA LEU A 170 7.59 -1.67 3.66
C LEU A 170 7.89 -2.24 5.04
N CYS A 171 8.72 -1.57 5.86
CA CYS A 171 9.27 -2.25 7.06
C CYS A 171 8.62 -1.88 8.38
N GLY A 172 7.80 -0.85 8.42
CA GLY A 172 7.07 -0.59 9.63
C GLY A 172 8.09 -0.06 10.64
N ALA A 173 7.80 -0.23 11.92
CA ALA A 173 8.71 0.24 12.95
C ALA A 173 9.28 -0.95 13.72
N LEU A 183 5.63 9.52 17.58
CA LEU A 183 5.46 8.61 16.44
C LEU A 183 6.82 7.99 16.05
N ALA A 184 6.87 6.67 16.03
CA ALA A 184 8.08 5.98 15.60
C ALA A 184 8.29 6.21 14.10
N SER A 185 9.55 6.17 13.68
CA SER A 185 9.85 6.28 12.28
C SER A 185 9.69 4.93 11.63
N VAL A 186 9.23 4.92 10.38
CA VAL A 186 9.20 3.69 9.58
C VAL A 186 10.17 3.86 8.41
N GLY A 187 10.43 2.77 7.71
CA GLY A 187 11.39 2.82 6.63
C GLY A 187 11.04 1.70 5.65
N GLY A 188 11.72 1.69 4.52
CA GLY A 188 11.50 0.62 3.57
C GLY A 188 12.27 0.93 2.32
N SER A 189 12.03 0.14 1.28
CA SER A 189 12.72 0.28 0.05
C SER A 189 11.74 0.27 -1.12
N MET A 190 11.96 1.18 -2.05
CA MET A 190 11.30 1.06 -3.33
C MET A 190 12.29 0.84 -4.42
N ILE A 191 12.31 -0.38 -4.99
CA ILE A 191 13.28 -0.70 -6.02
C ILE A 191 12.66 -0.48 -7.37
N ILE A 192 13.20 0.52 -8.08
CA ILE A 192 12.60 0.96 -9.32
C ILE A 192 13.33 0.24 -10.45
N GLY A 193 12.58 -0.49 -11.26
CA GLY A 193 13.12 -1.20 -12.42
C GLY A 193 13.68 -2.59 -12.11
N GLY A 194 13.46 -3.10 -10.89
CA GLY A 194 13.95 -4.42 -10.58
C GLY A 194 13.65 -4.96 -9.21
N ILE A 195 14.41 -5.97 -8.83
CA ILE A 195 14.21 -6.70 -7.60
C ILE A 195 15.55 -6.83 -6.87
N ASP A 196 15.58 -6.66 -5.56
CA ASP A 196 16.82 -6.84 -4.80
C ASP A 196 16.64 -8.08 -3.95
N HIS A 197 17.33 -9.16 -4.30
CA HIS A 197 17.06 -10.41 -3.58
C HIS A 197 17.51 -10.39 -2.11
N SER A 198 18.19 -9.34 -1.65
CA SER A 198 18.49 -9.22 -0.22
C SER A 198 17.32 -8.80 0.62
N LEU A 199 16.25 -8.32 0.00
CA LEU A 199 15.11 -7.83 0.73
C LEU A 199 14.08 -8.93 1.07
N TYR A 200 14.33 -10.16 0.62
CA TYR A 200 13.37 -11.24 0.92
C TYR A 200 14.07 -12.59 1.16
N THR A 201 13.34 -13.50 1.79
CA THR A 201 13.81 -14.89 1.93
C THR A 201 12.83 -15.81 1.19
N GLY A 202 13.28 -17.03 0.89
CA GLY A 202 12.44 -17.98 0.21
C GLY A 202 12.21 -17.54 -1.24
N SER A 203 11.13 -18.04 -1.83
CA SER A 203 10.84 -17.79 -3.23
C SER A 203 9.73 -16.73 -3.36
N LEU A 204 9.78 -16.00 -4.46
CA LEU A 204 8.63 -15.16 -4.87
C LEU A 204 7.54 -16.10 -5.40
N TRP A 205 6.28 -15.77 -5.13
CA TRP A 205 5.11 -16.42 -5.71
C TRP A 205 4.29 -15.35 -6.35
N TYR A 206 3.80 -15.63 -7.55
CA TYR A 206 3.08 -14.60 -8.33
C TYR A 206 1.62 -14.86 -8.50
N THR A 207 0.83 -13.75 -8.40
CA THR A 207 -0.60 -13.82 -8.66
C THR A 207 -0.90 -12.85 -9.85
N PRO A 208 -1.80 -13.23 -10.76
CA PRO A 208 -2.06 -12.36 -11.92
C PRO A 208 -2.66 -11.01 -11.56
N ILE A 209 -2.25 -9.95 -12.25
CA ILE A 209 -3.06 -8.67 -12.18
C ILE A 209 -4.29 -8.91 -13.04
N ARG A 210 -5.45 -8.92 -12.42
CA ARG A 210 -6.67 -9.22 -13.17
C ARG A 210 -6.98 -8.22 -14.25
N ARG A 211 -6.74 -6.93 -13.98
CA ARG A 211 -7.05 -5.84 -14.89
C ARG A 211 -6.15 -4.67 -14.51
N GLU A 212 -5.61 -3.97 -15.49
CA GLU A 212 -4.70 -2.86 -15.23
C GLU A 212 -5.48 -1.58 -14.97
N TRP A 213 -5.85 -1.36 -13.71
CA TRP A 213 -6.51 -0.09 -13.33
C TRP A 213 -5.95 0.18 -11.94
N TYR A 214 -6.57 -0.32 -10.86
CA TYR A 214 -5.85 -0.61 -9.61
C TYR A 214 -4.93 -1.82 -9.87
N TYR A 215 -4.10 -2.15 -8.88
CA TYR A 215 -3.41 -3.46 -8.92
C TYR A 215 -4.37 -4.52 -8.37
N GLU A 216 -5.26 -4.98 -9.25
CA GLU A 216 -6.37 -5.83 -8.82
C GLU A 216 -5.92 -7.27 -8.82
N VAL A 217 -6.21 -8.00 -7.75
CA VAL A 217 -5.84 -9.44 -7.69
C VAL A 217 -7.12 -10.23 -7.30
N ILE A 218 -7.03 -11.56 -7.26
CA ILE A 218 -8.17 -12.40 -6.81
C ILE A 218 -7.79 -13.30 -5.65
N ILE A 219 -8.49 -13.14 -4.51
CA ILE A 219 -8.37 -14.02 -3.35
C ILE A 219 -9.28 -15.22 -3.51
N VAL A 220 -8.74 -16.41 -3.30
CA VAL A 220 -9.53 -17.63 -3.60
C VAL A 220 -9.92 -18.39 -2.36
N ARG A 221 -9.30 -18.07 -1.22
CA ARG A 221 -9.60 -18.76 0.03
C ARG A 221 -9.06 -17.92 1.17
N VAL A 222 -9.79 -17.93 2.29
CA VAL A 222 -9.33 -17.26 3.48
C VAL A 222 -9.42 -18.22 4.63
N GLU A 223 -8.34 -18.27 5.39
CA GLU A 223 -8.24 -19.12 6.58
C GLU A 223 -7.89 -18.29 7.81
N ILE A 224 -8.59 -18.53 8.92
CA ILE A 224 -8.13 -17.99 10.23
C ILE A 224 -7.56 -19.13 11.06
N ASN A 225 -6.29 -19.03 11.41
CA ASN A 225 -5.61 -20.09 12.11
C ASN A 225 -5.79 -21.42 11.44
N GLY A 226 -5.73 -21.47 10.11
CA GLY A 226 -5.86 -22.74 9.42
C GLY A 226 -7.28 -23.16 9.16
N GLN A 227 -8.25 -22.44 9.71
CA GLN A 227 -9.63 -22.79 9.44
C GLN A 227 -10.28 -21.92 8.38
N ASP A 228 -10.71 -22.59 7.33
CA ASP A 228 -11.34 -21.95 6.22
C ASP A 228 -12.65 -21.21 6.66
N LEU A 229 -12.86 -20.00 6.15
CA LEU A 229 -14.12 -19.26 6.41
C LEU A 229 -15.30 -19.84 5.62
N LYS A 230 -15.04 -20.55 4.54
CA LYS A 230 -16.08 -21.27 3.83
C LYS A 230 -17.10 -20.39 3.11
N MET A 231 -16.74 -19.14 2.82
CA MET A 231 -17.64 -18.33 2.02
C MET A 231 -17.50 -18.63 0.55
N ASP A 232 -18.56 -18.39 -0.21
CA ASP A 232 -18.45 -18.28 -1.65
C ASP A 232 -17.26 -17.34 -1.90
N CYS A 233 -16.22 -17.80 -2.61
CA CYS A 233 -15.00 -16.99 -2.68
C CYS A 233 -15.26 -15.67 -3.40
N LYS A 234 -16.36 -15.58 -4.14
CA LYS A 234 -16.66 -14.35 -4.88
C LYS A 234 -16.82 -13.20 -3.88
N GLU A 235 -17.22 -13.53 -2.67
CA GLU A 235 -17.48 -12.54 -1.63
C GLU A 235 -16.17 -11.83 -1.25
N TYR A 236 -15.05 -12.57 -1.34
CA TYR A 236 -13.72 -12.04 -0.99
C TYR A 236 -13.30 -10.96 -1.94
N ASN A 237 -13.90 -10.90 -3.12
CA ASN A 237 -13.49 -9.95 -4.14
C ASN A 237 -14.67 -9.07 -4.60
N TYR A 238 -15.60 -8.82 -3.69
CA TYR A 238 -16.80 -8.03 -4.01
C TYR A 238 -16.54 -6.55 -3.58
N ASP A 239 -16.36 -5.64 -4.51
CA ASP A 239 -16.45 -5.82 -5.92
C ASP A 239 -15.07 -5.90 -6.62
N LYS A 240 -14.03 -5.81 -5.83
CA LYS A 240 -12.63 -5.98 -6.29
C LYS A 240 -11.73 -6.27 -5.10
N SER A 241 -10.48 -6.74 -5.37
CA SER A 241 -9.48 -6.84 -4.31
C SER A 241 -8.22 -6.19 -4.88
N ILE A 242 -7.58 -5.32 -4.11
CA ILE A 242 -6.40 -4.58 -4.61
C ILE A 242 -5.25 -4.54 -3.64
N VAL A 243 -4.06 -4.24 -4.16
CA VAL A 243 -2.88 -4.14 -3.31
C VAL A 243 -2.54 -2.63 -3.26
N ASP A 244 -2.54 -2.04 -2.06
CA ASP A 244 -2.57 -0.55 -1.96
C ASP A 244 -1.64 0.00 -0.86
N SER A 245 -0.47 0.54 -1.24
CA SER A 245 0.49 1.06 -0.26
C SER A 245 0.00 2.38 0.37
N GLY A 246 -1.09 2.94 -0.15
CA GLY A 246 -1.69 4.19 0.35
C GLY A 246 -2.85 3.99 1.34
N THR A 247 -3.02 2.76 1.81
CA THR A 247 -4.11 2.40 2.75
C THR A 247 -3.41 1.69 3.90
N THR A 248 -3.75 2.03 5.14
CA THR A 248 -3.06 1.40 6.25
C THR A 248 -3.65 -0.01 6.54
N ASN A 249 -4.98 -0.08 6.61
CA ASN A 249 -5.67 -1.31 7.08
C ASN A 249 -5.71 -2.43 6.02
N LEU A 250 -6.09 -3.60 6.50
CA LEU A 250 -6.68 -4.62 5.63
C LEU A 250 -8.15 -4.35 5.57
N ARG A 251 -8.66 -3.88 4.46
CA ARG A 251 -10.07 -3.58 4.44
C ARG A 251 -10.80 -4.80 3.80
N LEU A 252 -11.93 -5.25 4.38
CA LEU A 252 -12.71 -6.42 3.85
C LEU A 252 -14.15 -6.11 3.49
N PRO A 253 -14.69 -6.81 2.48
CA PRO A 253 -16.09 -6.50 2.19
C PRO A 253 -16.93 -6.82 3.40
N LYS A 254 -18.05 -6.13 3.56
CA LYS A 254 -18.82 -6.24 4.82
C LYS A 254 -19.09 -7.71 5.14
N LYS A 255 -19.62 -8.45 4.15
CA LYS A 255 -20.07 -9.80 4.54
C LYS A 255 -18.88 -10.58 5.03
N VAL A 256 -17.73 -10.37 4.37
CA VAL A 256 -16.53 -11.07 4.76
C VAL A 256 -15.96 -10.60 6.05
N PHE A 257 -16.00 -9.27 6.28
CA PHE A 257 -15.54 -8.75 7.56
C PHE A 257 -16.35 -9.39 8.72
N GLU A 258 -17.67 -9.46 8.54
CA GLU A 258 -18.51 -10.09 9.57
C GLU A 258 -18.03 -11.51 9.90
N ALA A 259 -17.71 -12.32 8.89
CA ALA A 259 -17.32 -13.72 9.17
C ALA A 259 -15.91 -13.79 9.76
N ALA A 260 -15.02 -12.95 9.27
CA ALA A 260 -13.63 -12.93 9.76
C ALA A 260 -13.56 -12.51 11.21
N VAL A 261 -14.31 -11.46 11.55
CA VAL A 261 -14.35 -11.06 12.97
C VAL A 261 -14.96 -12.20 13.82
N LYS A 262 -16.08 -12.73 13.36
CA LYS A 262 -16.73 -13.85 14.11
C LYS A 262 -15.68 -14.91 14.45
N SER A 263 -14.91 -15.32 13.45
CA SER A 263 -13.90 -16.35 13.70
C SER A 263 -12.67 -15.86 14.48
N ILE A 264 -12.31 -14.58 14.36
CA ILE A 264 -11.17 -14.10 15.16
C ILE A 264 -11.58 -13.95 16.61
N LYS A 265 -12.79 -13.42 16.82
CA LYS A 265 -13.33 -13.40 18.20
C LYS A 265 -13.25 -14.78 18.85
N ALA A 266 -13.71 -15.81 18.14
CA ALA A 266 -13.66 -17.18 18.69
C ALA A 266 -12.22 -17.62 19.06
N ALA A 267 -11.27 -17.45 18.14
CA ALA A 267 -9.91 -17.95 18.38
C ALA A 267 -9.26 -17.22 19.57
N SER A 268 -9.82 -16.07 19.94
CA SER A 268 -9.19 -15.22 20.94
C SER A 268 -10.06 -15.07 22.16
N SER A 269 -10.98 -16.02 22.32
CA SER A 269 -12.02 -15.93 23.34
C SER A 269 -11.53 -16.16 24.77
N THR A 270 -10.26 -16.56 24.95
CA THR A 270 -9.68 -16.62 26.32
C THR A 270 -9.68 -15.21 26.97
N GLU A 271 -9.62 -14.17 26.15
CA GLU A 271 -9.86 -12.80 26.63
C GLU A 271 -11.06 -12.18 25.89
N LYS A 272 -11.72 -11.22 26.53
CA LYS A 272 -12.88 -10.59 25.94
C LYS A 272 -12.59 -9.12 25.65
N PHE A 273 -13.27 -8.60 24.64
CA PHE A 273 -13.03 -7.24 24.22
C PHE A 273 -14.35 -6.65 23.80
N PRO A 274 -14.52 -5.34 24.05
CA PRO A 274 -15.70 -4.59 23.63
C PRO A 274 -15.97 -4.70 22.13
N ASP A 275 -17.24 -4.77 21.76
CA ASP A 275 -17.67 -4.73 20.38
C ASP A 275 -17.06 -3.56 19.60
N GLY A 276 -16.91 -2.42 20.29
CA GLY A 276 -16.32 -1.23 19.68
C GLY A 276 -14.87 -1.46 19.25
N PHE A 277 -14.12 -2.23 20.03
CA PHE A 277 -12.76 -2.51 19.63
C PHE A 277 -12.74 -3.20 18.23
N TRP A 278 -13.60 -4.19 18.02
CA TRP A 278 -13.57 -4.91 16.73
C TRP A 278 -14.01 -4.00 15.62
N LEU A 279 -14.81 -2.98 15.97
CA LEU A 279 -15.32 -2.04 14.99
C LEU A 279 -14.37 -0.84 14.77
N GLY A 280 -13.22 -0.83 15.43
CA GLY A 280 -12.23 0.25 15.26
C GLY A 280 -12.72 1.57 15.89
N GLU A 281 -13.65 1.45 16.84
CA GLU A 281 -14.28 2.60 17.53
C GLU A 281 -13.64 2.90 18.90
N GLN A 282 -12.84 1.95 19.40
CA GLN A 282 -12.08 2.14 20.64
C GLN A 282 -10.79 1.40 20.50
N LEU A 283 -9.81 1.82 21.27
CA LEU A 283 -8.55 1.10 21.32
C LEU A 283 -8.63 0.10 22.40
N VAL A 284 -7.64 -0.78 22.43
CA VAL A 284 -7.47 -1.72 23.54
C VAL A 284 -6.03 -1.62 24.05
N CYS A 285 -5.86 -1.69 25.36
CA CYS A 285 -4.55 -1.44 25.96
C CYS A 285 -4.13 -2.62 26.85
N TRP A 286 -2.82 -2.88 26.87
CA TRP A 286 -2.23 -3.80 27.84
C TRP A 286 -1.04 -3.14 28.51
N GLN A 287 -0.66 -3.66 29.69
CA GLN A 287 0.53 -3.17 30.38
C GLN A 287 1.78 -3.34 29.52
N ALA A 288 2.58 -2.28 29.42
CA ALA A 288 3.78 -2.28 28.57
C ALA A 288 4.57 -3.61 28.67
N GLY A 289 4.51 -4.40 27.61
CA GLY A 289 5.25 -5.65 27.58
C GLY A 289 4.41 -6.92 27.73
N THR A 290 3.11 -6.75 27.99
CA THR A 290 2.22 -7.87 28.29
C THR A 290 1.15 -8.13 27.19
N THR A 291 1.48 -7.79 25.94
CA THR A 291 0.51 -8.04 24.89
C THR A 291 0.45 -9.53 24.58
N PRO A 292 -0.75 -10.09 24.66
CA PRO A 292 -1.03 -11.51 24.39
C PRO A 292 -1.07 -11.86 22.88
N TRP A 293 0.06 -11.80 22.18
CA TRP A 293 0.10 -12.11 20.73
C TRP A 293 -0.52 -13.47 20.46
N ASN A 294 -0.06 -14.47 21.21
CA ASN A 294 -0.50 -15.87 21.02
C ASN A 294 -2.01 -16.13 21.13
N ILE A 295 -2.79 -15.26 21.76
CA ILE A 295 -4.23 -15.50 21.79
C ILE A 295 -4.90 -15.06 20.48
N PHE A 296 -4.14 -14.37 19.61
CA PHE A 296 -4.69 -13.96 18.33
C PHE A 296 -4.22 -14.92 17.21
N PRO A 297 -5.14 -15.25 16.30
CA PRO A 297 -4.89 -16.18 15.20
C PRO A 297 -4.10 -15.50 14.07
N VAL A 298 -3.46 -16.33 13.26
CA VAL A 298 -2.90 -15.86 11.99
C VAL A 298 -4.01 -15.82 10.97
N ILE A 299 -3.73 -15.07 9.89
CA ILE A 299 -4.70 -14.89 8.84
C ILE A 299 -3.99 -15.27 7.57
N SER A 300 -4.63 -16.12 6.78
CA SER A 300 -4.01 -16.58 5.50
C SER A 300 -4.93 -16.23 4.37
N LEU A 301 -4.36 -15.61 3.33
CA LEU A 301 -5.08 -15.33 2.13
C LEU A 301 -4.46 -16.26 1.07
N TYR A 302 -5.30 -17.04 0.41
CA TYR A 302 -4.82 -17.80 -0.75
C TYR A 302 -5.08 -16.90 -1.93
N LEU A 303 -4.05 -16.76 -2.78
CA LEU A 303 -4.22 -15.93 -3.96
C LEU A 303 -4.20 -16.82 -5.19
N MET A 304 -4.92 -16.43 -6.23
CA MET A 304 -4.82 -17.13 -7.52
C MET A 304 -3.38 -17.24 -8.01
N GLY A 305 -2.94 -18.43 -8.44
CA GLY A 305 -1.57 -18.57 -8.91
C GLY A 305 -1.41 -18.36 -10.41
N GLU A 306 -0.25 -18.72 -10.94
CA GLU A 306 0.08 -18.50 -12.33
C GLU A 306 -0.50 -19.57 -13.26
N VAL A 307 -0.79 -20.73 -12.69
CA VAL A 307 -1.17 -21.92 -13.46
C VAL A 307 -2.60 -22.31 -13.14
N THR A 308 -3.29 -22.88 -14.13
N THR A 308 -3.26 -22.94 -14.12
CA THR A 308 -4.66 -23.31 -13.89
CA THR A 308 -4.61 -23.45 -13.91
C THR A 308 -4.75 -24.24 -12.69
C THR A 308 -4.73 -24.27 -12.66
N ASN A 309 -5.73 -23.96 -11.85
CA ASN A 309 -6.02 -24.74 -10.63
C ASN A 309 -4.92 -24.69 -9.55
N GLN A 310 -3.98 -23.73 -9.66
CA GLN A 310 -2.85 -23.61 -8.72
C GLN A 310 -2.92 -22.28 -7.96
N SER A 311 -2.81 -22.35 -6.62
CA SER A 311 -2.81 -21.13 -5.79
C SER A 311 -1.59 -21.10 -4.88
N PHE A 312 -1.42 -20.02 -4.13
CA PHE A 312 -0.42 -20.04 -3.07
C PHE A 312 -0.99 -19.27 -1.90
N ARG A 313 -0.37 -19.34 -0.74
CA ARG A 313 -0.99 -18.60 0.36
C ARG A 313 0.02 -17.67 1.02
N ILE A 314 -0.49 -16.51 1.44
CA ILE A 314 0.31 -15.60 2.26
C ILE A 314 -0.32 -15.57 3.67
N THR A 315 0.53 -15.56 4.69
CA THR A 315 0.08 -15.61 6.09
C THR A 315 0.64 -14.43 6.91
N ILE A 316 -0.23 -13.71 7.62
CA ILE A 316 0.19 -12.55 8.45
C ILE A 316 -0.17 -12.83 9.89
N LEU A 317 0.55 -12.10 10.76
CA LEU A 317 0.45 -12.23 12.20
C LEU A 317 -0.36 -11.14 12.86
N PRO A 318 -0.74 -11.38 14.12
CA PRO A 318 -1.39 -10.30 14.88
C PRO A 318 -0.48 -9.04 14.94
N GLN A 319 0.83 -9.25 14.87
CA GLN A 319 1.78 -8.13 14.83
C GLN A 319 1.44 -7.19 13.67
N GLN A 320 0.80 -7.72 12.63
CA GLN A 320 0.49 -6.90 11.48
C GLN A 320 -0.86 -6.26 11.63
N TYR A 321 -1.86 -6.99 12.19
CA TYR A 321 -3.21 -6.39 12.12
C TYR A 321 -3.66 -5.77 13.44
N LEU A 322 -2.83 -5.92 14.45
CA LEU A 322 -2.98 -5.19 15.73
C LEU A 322 -1.95 -4.09 15.78
N ARG A 323 -2.36 -2.84 15.60
CA ARG A 323 -1.35 -1.82 15.37
C ARG A 323 -1.20 -0.93 16.63
N PRO A 324 0.04 -0.76 17.13
CA PRO A 324 0.32 0.24 18.18
C PRO A 324 -0.22 1.63 17.85
N VAL A 325 -0.84 2.29 18.84
CA VAL A 325 -1.18 3.69 18.63
C VAL A 325 -0.29 4.45 19.60
N GLU A 326 0.56 5.30 19.07
CA GLU A 326 1.60 5.95 19.86
C GLU A 326 1.09 7.22 20.57
N ASP A 327 0.41 8.08 19.82
CA ASP A 327 -0.06 9.39 20.30
C ASP A 327 -1.34 9.37 21.15
N VAL A 328 -1.34 8.54 22.19
CA VAL A 328 -2.44 8.54 23.15
C VAL A 328 -1.97 9.22 24.44
N ALA A 329 -2.21 10.53 24.54
CA ALA A 329 -1.75 11.33 25.70
C ALA A 329 -2.47 10.96 27.01
N THR A 330 -3.67 10.37 26.90
CA THR A 330 -4.49 10.10 28.08
C THR A 330 -4.31 8.64 28.53
N SER A 331 -3.25 8.00 28.06
CA SER A 331 -2.87 6.65 28.49
C SER A 331 -1.34 6.47 28.59
N GLN A 332 -0.90 5.62 29.52
CA GLN A 332 0.53 5.30 29.66
C GLN A 332 0.89 3.87 29.26
N ASP A 333 -0.12 3.04 29.01
CA ASP A 333 0.08 1.65 28.61
C ASP A 333 0.41 1.49 27.11
N ASP A 334 0.40 0.23 26.65
CA ASP A 334 0.51 -0.09 25.23
C ASP A 334 -0.90 -0.26 24.67
N CYS A 335 -1.31 0.68 23.82
CA CYS A 335 -2.65 0.63 23.22
C CYS A 335 -2.58 0.30 21.72
N TYR A 336 -3.56 -0.46 21.26
CA TYR A 336 -3.56 -0.95 19.89
C TYR A 336 -4.90 -0.72 19.22
N LYS A 337 -4.87 -0.56 17.89
CA LYS A 337 -6.07 -0.44 17.09
C LYS A 337 -6.26 -1.74 16.29
N PHE A 338 -7.49 -2.22 16.22
CA PHE A 338 -7.80 -3.33 15.35
C PHE A 338 -7.80 -2.77 13.95
N ALA A 339 -6.89 -3.28 13.12
CA ALA A 339 -6.66 -2.67 11.82
C ALA A 339 -7.22 -3.48 10.61
N ILE A 340 -8.28 -4.27 10.86
CA ILE A 340 -9.09 -4.84 9.80
C ILE A 340 -10.43 -4.16 9.81
N SER A 341 -11.00 -3.81 8.66
CA SER A 341 -12.21 -3.01 8.73
C SER A 341 -13.03 -3.29 7.54
N GLN A 342 -14.26 -2.83 7.55
CA GLN A 342 -15.18 -3.15 6.48
C GLN A 342 -15.05 -2.17 5.34
N SER A 343 -15.47 -2.56 4.13
CA SER A 343 -15.30 -1.73 2.99
C SER A 343 -16.52 -1.90 2.12
N SER A 344 -16.86 -0.91 1.35
CA SER A 344 -17.85 -1.11 0.33
C SER A 344 -17.24 -0.94 -1.02
N THR A 345 -15.90 -0.96 -1.05
CA THR A 345 -15.22 -0.90 -2.34
C THR A 345 -14.32 -2.13 -2.58
N GLY A 346 -14.55 -3.20 -1.83
CA GLY A 346 -13.79 -4.43 -2.03
C GLY A 346 -12.71 -4.63 -0.99
N THR A 347 -11.86 -5.63 -1.22
CA THR A 347 -10.83 -5.91 -0.26
C THR A 347 -9.64 -4.94 -0.57
N VAL A 348 -8.95 -4.49 0.46
CA VAL A 348 -7.80 -3.58 0.22
C VAL A 348 -6.68 -4.14 1.01
N MET A 349 -5.66 -4.64 0.33
CA MET A 349 -4.50 -5.14 1.03
C MET A 349 -3.55 -3.99 1.28
N GLY A 350 -3.74 -3.29 2.40
CA GLY A 350 -2.83 -2.17 2.70
C GLY A 350 -1.61 -2.59 3.47
N ALA A 351 -1.09 -1.68 4.27
CA ALA A 351 0.10 -1.90 5.00
C ALA A 351 0.08 -3.10 5.94
N VAL A 352 -1.09 -3.43 6.49
CA VAL A 352 -1.29 -4.62 7.33
C VAL A 352 -0.80 -5.89 6.57
N ILE A 353 -1.12 -5.95 5.28
CA ILE A 353 -0.59 -7.08 4.46
C ILE A 353 0.85 -6.81 3.98
N MET A 354 1.08 -5.66 3.35
CA MET A 354 2.38 -5.44 2.67
C MET A 354 3.55 -5.44 3.63
N GLU A 355 3.35 -5.06 4.89
CA GLU A 355 4.53 -5.06 5.76
C GLU A 355 5.04 -6.48 6.12
N GLY A 356 4.27 -7.52 5.82
CA GLY A 356 4.84 -8.86 5.98
C GLY A 356 5.70 -9.37 4.84
N PHE A 357 5.64 -8.65 3.71
CA PHE A 357 6.19 -9.19 2.47
C PHE A 357 6.98 -8.22 1.64
N TYR A 358 7.83 -8.77 0.80
CA TYR A 358 8.43 -8.04 -0.30
C TYR A 358 7.48 -8.19 -1.46
N VAL A 359 7.02 -7.08 -2.03
CA VAL A 359 5.97 -7.15 -3.01
C VAL A 359 6.49 -6.63 -4.34
N VAL A 360 6.33 -7.42 -5.39
CA VAL A 360 6.92 -7.10 -6.70
C VAL A 360 5.79 -6.77 -7.66
N PHE A 361 5.74 -5.54 -8.15
CA PHE A 361 4.72 -5.07 -9.09
C PHE A 361 5.29 -5.29 -10.50
N ASP A 362 5.12 -6.51 -11.00
CA ASP A 362 5.76 -6.91 -12.28
C ASP A 362 4.82 -6.53 -13.40
N ARG A 363 4.78 -5.23 -13.72
CA ARG A 363 3.88 -4.75 -14.72
C ARG A 363 4.10 -5.37 -16.11
N ALA A 364 5.35 -5.62 -16.45
CA ALA A 364 5.69 -6.18 -17.77
C ALA A 364 5.01 -7.52 -17.98
N ARG A 365 4.82 -8.29 -16.91
CA ARG A 365 4.19 -9.62 -17.01
C ARG A 365 2.83 -9.70 -16.36
N LYS A 366 2.31 -8.51 -16.03
CA LYS A 366 0.96 -8.43 -15.52
C LYS A 366 0.76 -9.33 -14.31
N ARG A 367 1.67 -9.23 -13.34
CA ARG A 367 1.55 -10.11 -12.17
C ARG A 367 2.19 -9.43 -10.96
N ILE A 368 1.78 -9.91 -9.78
CA ILE A 368 2.32 -9.34 -8.52
C ILE A 368 2.99 -10.48 -7.75
N GLY A 369 4.25 -10.24 -7.34
CA GLY A 369 4.96 -11.29 -6.61
C GLY A 369 4.97 -11.01 -5.11
N PHE A 370 4.87 -12.06 -4.30
CA PHE A 370 5.02 -11.93 -2.84
C PHE A 370 6.12 -12.85 -2.39
N ALA A 371 6.91 -12.39 -1.42
CA ALA A 371 7.91 -13.22 -0.77
C ALA A 371 8.00 -12.72 0.68
N VAL A 372 8.43 -13.60 1.58
CA VAL A 372 8.56 -13.17 2.97
C VAL A 372 9.60 -12.04 3.07
N SER A 373 9.22 -10.97 3.74
CA SER A 373 10.11 -9.80 3.83
C SER A 373 11.23 -10.11 4.81
N ALA A 374 12.46 -9.82 4.42
CA ALA A 374 13.59 -9.92 5.35
C ALA A 374 13.45 -8.97 6.56
N CYS A 375 12.57 -7.97 6.51
CA CYS A 375 12.45 -7.05 7.65
C CYS A 375 11.14 -7.15 8.44
N HIS A 376 10.29 -8.16 8.20
CA HIS A 376 8.99 -8.09 8.83
C HIS A 376 9.07 -8.40 10.34
N VAL A 377 8.12 -7.83 11.09
CA VAL A 377 8.04 -7.99 12.55
C VAL A 377 7.34 -9.29 12.94
N HIS A 378 8.05 -10.13 13.68
CA HIS A 378 7.50 -11.38 14.17
C HIS A 378 8.05 -11.73 15.57
N ASP A 379 7.55 -12.82 16.13
CA ASP A 379 8.06 -13.30 17.41
C ASP A 379 8.71 -14.67 17.28
N GLU A 380 9.09 -15.24 18.43
CA GLU A 380 9.83 -16.51 18.46
C GLU A 380 9.02 -17.75 18.02
N PHE A 381 7.69 -17.64 17.97
CA PHE A 381 6.81 -18.79 17.69
C PHE A 381 6.24 -18.83 16.27
N ARG A 382 5.91 -17.65 15.72
CA ARG A 382 5.27 -17.58 14.42
C ARG A 382 6.05 -16.57 13.54
N THR A 383 6.08 -16.81 12.22
CA THR A 383 6.58 -15.81 11.26
C THR A 383 5.62 -15.70 10.09
N ALA A 384 5.66 -14.55 9.41
CA ALA A 384 4.92 -14.40 8.16
C ALA A 384 5.39 -15.49 7.17
N ALA A 385 4.53 -15.90 6.24
CA ALA A 385 4.93 -17.00 5.36
C ALA A 385 4.29 -16.81 3.96
N VAL A 386 4.97 -17.36 2.98
CA VAL A 386 4.42 -17.45 1.60
C VAL A 386 4.67 -18.88 1.14
N GLU A 387 3.61 -19.62 0.84
CA GLU A 387 3.74 -21.07 0.63
C GLU A 387 2.93 -21.53 -0.56
N GLY A 388 3.43 -22.54 -1.25
CA GLY A 388 2.68 -23.13 -2.38
C GLY A 388 3.46 -24.33 -2.91
N PRO A 389 2.95 -25.00 -3.94
CA PRO A 389 1.66 -24.68 -4.59
C PRO A 389 0.54 -25.39 -3.87
N PHE A 390 -0.68 -24.87 -3.93
CA PHE A 390 -1.88 -25.58 -3.47
C PHE A 390 -2.82 -25.84 -4.67
N VAL A 391 -3.66 -26.86 -4.53
CA VAL A 391 -4.66 -27.16 -5.54
C VAL A 391 -5.94 -26.44 -5.16
N THR A 392 -6.40 -25.52 -6.02
CA THR A 392 -7.65 -24.80 -5.76
C THR A 392 -8.47 -24.77 -7.03
N LEU A 393 -9.66 -25.34 -7.00
CA LEU A 393 -10.46 -25.37 -8.24
C LEU A 393 -11.43 -24.18 -8.33
N ASP A 394 -11.87 -23.90 -9.55
CA ASP A 394 -12.93 -22.91 -9.84
C ASP A 394 -12.46 -21.47 -9.46
N MET A 395 -11.16 -21.20 -9.56
CA MET A 395 -10.65 -19.89 -9.08
C MET A 395 -11.18 -18.75 -9.94
N GLU A 396 -11.53 -19.02 -11.20
CA GLU A 396 -12.05 -17.94 -12.06
C GLU A 396 -13.40 -17.47 -11.55
N ASP A 397 -14.16 -18.36 -10.92
CA ASP A 397 -15.46 -17.97 -10.34
C ASP A 397 -15.33 -17.04 -9.15
N CYS A 398 -14.11 -16.81 -8.69
CA CYS A 398 -13.95 -15.98 -7.50
C CYS A 398 -13.98 -14.48 -7.86
N GLY A 399 -13.74 -14.16 -9.12
CA GLY A 399 -13.67 -12.79 -9.57
C GLY A 399 -15.08 -12.22 -9.69
N TYR A 400 -15.26 -10.96 -9.28
CA TYR A 400 -16.58 -10.34 -9.45
C TYR A 400 -16.68 -9.61 -10.77
N ASN A 401 -17.82 -9.76 -11.45
CA ASN A 401 -18.02 -9.05 -12.72
C ASN A 401 -19.04 -7.90 -12.60
C1 P6U B . -5.20 9.04 -3.02
C2 P6U B . -5.46 8.22 -1.77
C3 P6U B . -6.98 8.12 -1.50
C4 P6U B . -7.32 7.26 -0.29
S1 P6U B . -6.75 5.52 -0.52
C5 P6U B . -5.33 5.79 -1.53
N1 P6U B . -4.90 6.87 -1.99
N2 P6U B . -4.69 4.63 -1.82
C6 P6U B . -4.81 8.87 -0.55
C7 P6U B . -3.93 8.15 0.27
C8 P6U B . -3.29 8.76 1.34
C9 P6U B . -3.54 10.11 1.58
C10 P6U B . -4.40 10.85 0.83
C11 P6U B . -5.03 10.21 -0.22
F1 P6U B . -5.93 10.92 -0.94
F2 P6U B . -2.87 10.70 2.61
C12 P6U B . -2.34 8.00 2.23
N3 P6U B . -3.09 7.54 3.41
C13 P6U B . -2.26 7.16 4.57
C14 P6U B . -1.63 8.34 5.27
C15 P6U B . -2.73 7.54 5.94
C16 P6U B . -1.43 5.93 4.43
F3 P6U B . -0.67 5.72 5.47
F4 P6U B . -2.18 4.83 4.28
F5 P6U B . -0.60 5.99 3.37
I IOD C . -3.58 23.49 -0.63
I IOD D . -7.13 20.73 5.62
I IOD E . 11.22 -11.51 -14.67
C1 EDO F . 1.13 2.86 7.32
O1 EDO F . 0.03 3.01 6.42
C2 EDO F . 1.89 4.23 7.51
O2 EDO F . 3.19 3.81 7.96
H11 EDO F . 0.77 2.52 8.29
H12 EDO F . 1.83 2.12 6.93
HO1 EDO F . -0.42 2.16 6.32
H21 EDO F . 1.95 4.77 6.57
H22 EDO F . 1.39 4.85 8.26
HO2 EDO F . 3.74 4.59 8.11
C1 EDO G . 9.23 26.46 -0.99
O1 EDO G . 9.20 25.16 -0.41
C2 EDO G . 9.61 27.59 0.00
O2 EDO G . 9.36 27.23 1.35
H11 EDO G . 9.93 26.46 -1.82
H12 EDO G . 8.23 26.67 -1.41
HO1 EDO G . 8.97 24.51 -1.08
H21 EDO G . 10.66 27.82 -0.13
H22 EDO G . 9.04 28.49 -0.26
HO2 EDO G . 9.61 27.97 1.93
#